data_8QH0
#
_entry.id   8QH0
#
_cell.length_a   54.388
_cell.length_b   89.186
_cell.length_c   174.471
_cell.angle_alpha   90.000
_cell.angle_beta   90.000
_cell.angle_gamma   90.000
#
_symmetry.space_group_name_H-M   'P 21 21 21'
#
loop_
_entity.id
_entity.type
_entity.pdbx_description
1 polymer 'Spike protein S1'
2 polymer 'Cv2.3194 Heavy chain'
3 polymer 'IGK@ protein'
4 branched 2-acetamido-2-deoxy-beta-D-glucopyranose-(1-4)-2-acetamido-2-deoxy-beta-D-glucopyranose
5 non-polymer PROLINE
6 non-polymer GLYCEROL
7 water water
#
loop_
_entity_poly.entity_id
_entity_poly.type
_entity_poly.pdbx_seq_one_letter_code
_entity_poly.pdbx_strand_id
1 'polypeptide(L)'
;NITNLCPFGEVFNATRFASVYAWNRKRISNCVADYSFLYNSASFSTFKCYGVSPTKLNDLCFTNVYADSFVIRGDEVRQI
APGQTGKIADYNYKLPDDFTGCVIAWNSNNLDSKVGGNYNYLYRLFRKSNLKPFERDISTEIYQAGSTPCNGVEGFNCYF
PLQSYGFQPTNGVGYQPYRVVVLSFELLHAPATVCGPKGSGDDDDK
;
A
2 'polypeptide(L)'
;EVQLVESGGGLIQPGGSLRLSCAASGITVTSNYMSWVRQAPGKGLEWVSVIYPGGSTFYADSVKGRFTISRDNSKNTLYL
QMNSLRAEDTAVYYCARDLVVYGMDVWGQGTTVTVSSASTKGPSVFPLAPSSKSTSGGTAALGCLVKDYFPEPVTVSWNS
GALTSGVHTFPAVLQSSGLYSLSSVVTVPSSSLGTQTYICNVNHKPSNTKVDKRVEPKSCDKTHHHHHH
;
H
3 'polypeptide(L)'
;EIVLTQSPGTLSLSPGERATLSCRASQSVSSSYLAWYQQKPGQAPRLLIYGASSRATGIPGRFSGSGSGTDFTLTISRLE
PEDFAIYYCQQGVTFGGGTKVEIKRTVAAPSVFIFPPSDEQLKSGTASVVCLLNNFYPREAKVQWKVDNALQSGNSQESV
TEQDSKDSTYSLSSTLTLSKADYEKHKVYACEVTHQGLSSPVTKSFNRGEN
;
L
#
# COMPACT_ATOMS: atom_id res chain seq x y z
N THR A 3 41.67 -39.60 -23.39
CA THR A 3 41.50 -38.18 -23.13
C THR A 3 41.24 -37.89 -21.64
N ASN A 4 41.60 -36.69 -21.19
CA ASN A 4 41.47 -36.29 -19.80
C ASN A 4 40.49 -35.12 -19.69
N LEU A 5 39.20 -35.43 -19.81
CA LEU A 5 38.16 -34.40 -19.86
C LEU A 5 37.92 -33.82 -18.48
N CYS A 6 37.72 -32.50 -18.42
CA CYS A 6 37.34 -31.88 -17.18
C CYS A 6 35.99 -32.44 -16.72
N PRO A 7 35.82 -32.73 -15.45
CA PRO A 7 34.58 -33.36 -14.96
C PRO A 7 33.48 -32.33 -14.72
N PHE A 8 33.09 -31.62 -15.78
CA PHE A 8 31.97 -30.71 -15.66
C PHE A 8 30.67 -31.45 -15.36
N GLY A 9 30.59 -32.71 -15.82
CA GLY A 9 29.40 -33.51 -15.55
C GLY A 9 29.11 -33.66 -14.07
N GLU A 10 30.16 -33.72 -13.25
CA GLU A 10 29.97 -33.82 -11.81
C GLU A 10 29.29 -32.58 -11.23
N VAL A 11 29.40 -31.43 -11.90
CA VAL A 11 28.73 -30.22 -11.43
C VAL A 11 27.34 -30.14 -12.02
N PHE A 12 27.25 -30.19 -13.35
CA PHE A 12 25.99 -29.94 -14.04
C PHE A 12 24.98 -31.05 -13.81
N ASN A 13 25.45 -32.29 -13.74
CA ASN A 13 24.56 -33.44 -13.66
C ASN A 13 24.46 -34.00 -12.25
N ALA A 14 24.91 -33.26 -11.24
CA ALA A 14 24.77 -33.73 -9.87
C ALA A 14 23.30 -33.92 -9.53
N THR A 15 22.97 -35.04 -8.88
CA THR A 15 21.57 -35.29 -8.54
C THR A 15 21.06 -34.29 -7.51
N ARG A 16 21.90 -33.86 -6.57
CA ARG A 16 21.51 -32.88 -5.55
C ARG A 16 22.35 -31.62 -5.70
N PHE A 17 21.73 -30.47 -5.43
CA PHE A 17 22.39 -29.17 -5.47
C PHE A 17 22.37 -28.52 -4.10
N ALA A 18 23.30 -27.59 -3.90
CA ALA A 18 23.43 -26.88 -2.64
C ALA A 18 22.41 -25.76 -2.55
N SER A 19 22.05 -25.41 -1.31
CA SER A 19 21.39 -24.13 -1.05
C SER A 19 22.32 -22.98 -1.42
N VAL A 20 21.72 -21.86 -1.82
CA VAL A 20 22.53 -20.77 -2.36
C VAL A 20 23.45 -20.19 -1.29
N TYR A 21 22.99 -20.11 -0.04
CA TYR A 21 23.86 -19.52 0.98
C TYR A 21 25.12 -20.39 1.18
N ALA A 22 24.98 -21.70 0.99
CA ALA A 22 26.09 -22.65 1.13
C ALA A 22 26.53 -23.18 -0.23
N TRP A 23 26.64 -22.27 -1.21
CA TRP A 23 26.86 -22.65 -2.60
C TRP A 23 28.11 -23.50 -2.77
N ASN A 24 28.01 -24.49 -3.67
CA ASN A 24 29.14 -25.38 -3.88
C ASN A 24 30.11 -24.79 -4.88
N ARG A 25 31.39 -25.18 -4.75
CA ARG A 25 32.44 -24.81 -5.68
C ARG A 25 33.28 -26.03 -6.02
N LYS A 26 33.48 -26.28 -7.31
CA LYS A 26 34.44 -27.27 -7.77
C LYS A 26 35.54 -26.55 -8.53
N ARG A 27 36.78 -26.77 -8.11
CA ARG A 27 37.95 -26.18 -8.75
C ARG A 27 38.46 -27.15 -9.81
N ILE A 28 38.51 -26.68 -11.06
CA ILE A 28 38.83 -27.47 -12.23
C ILE A 28 40.23 -27.06 -12.69
N SER A 29 41.14 -28.04 -12.74
CA SER A 29 42.53 -27.82 -13.11
C SER A 29 43.03 -29.01 -13.91
N ASN A 30 44.02 -28.75 -14.77
CA ASN A 30 44.81 -29.80 -15.41
C ASN A 30 43.93 -30.80 -16.16
N CYS A 31 43.14 -30.28 -17.09
CA CYS A 31 42.27 -31.15 -17.86
C CYS A 31 41.88 -30.44 -19.15
N VAL A 32 41.36 -31.22 -20.10
CA VAL A 32 40.83 -30.70 -21.34
C VAL A 32 39.34 -30.44 -21.15
N ALA A 33 38.92 -29.19 -21.38
CA ALA A 33 37.54 -28.79 -21.20
C ALA A 33 36.83 -28.82 -22.55
N ASP A 34 35.75 -29.59 -22.63
CA ASP A 34 34.87 -29.59 -23.80
C ASP A 34 33.56 -28.92 -23.41
N TYR A 35 33.36 -27.69 -23.89
CA TYR A 35 32.17 -26.92 -23.59
C TYR A 35 31.02 -27.17 -24.57
N SER A 36 31.13 -28.21 -25.39
CA SER A 36 30.11 -28.45 -26.41
C SER A 36 28.74 -28.68 -25.80
N PHE A 37 28.68 -29.29 -24.62
CA PHE A 37 27.41 -29.52 -23.94
C PHE A 37 26.65 -28.24 -23.68
N LEU A 38 27.34 -27.09 -23.65
CA LEU A 38 26.64 -25.83 -23.43
C LEU A 38 25.82 -25.40 -24.64
N TYR A 39 26.28 -25.74 -25.84
CA TYR A 39 25.57 -25.34 -27.05
C TYR A 39 24.41 -26.26 -27.37
N ASN A 40 24.32 -27.42 -26.71
CA ASN A 40 23.08 -28.16 -26.66
C ASN A 40 22.03 -27.28 -25.98
N SER A 41 21.16 -26.66 -26.78
CA SER A 41 20.10 -25.82 -26.23
C SER A 41 18.91 -26.70 -25.86
N ALA A 42 17.79 -26.09 -25.49
CA ALA A 42 16.60 -26.76 -24.95
C ALA A 42 16.90 -27.47 -23.63
N SER A 43 18.10 -27.31 -23.09
CA SER A 43 18.41 -27.80 -21.76
C SER A 43 18.71 -26.69 -20.78
N PHE A 44 18.90 -25.45 -21.25
CA PHE A 44 19.27 -24.33 -20.40
C PHE A 44 18.39 -23.14 -20.70
N SER A 45 17.81 -22.55 -19.66
CA SER A 45 17.04 -21.33 -19.85
C SER A 45 17.90 -20.08 -19.81
N THR A 46 19.06 -20.14 -19.18
CA THR A 46 19.98 -19.01 -19.15
C THR A 46 21.38 -19.47 -19.53
N PHE A 47 22.01 -18.76 -20.48
CA PHE A 47 23.40 -19.03 -20.85
C PHE A 47 24.00 -17.68 -21.26
N LYS A 48 24.63 -17.01 -20.30
CA LYS A 48 25.16 -15.66 -20.53
C LYS A 48 26.63 -15.61 -20.15
N CYS A 49 27.47 -15.12 -21.04
CA CYS A 49 28.90 -14.99 -20.75
C CYS A 49 29.32 -13.53 -20.69
N TYR A 50 30.39 -13.28 -19.93
CA TYR A 50 30.91 -11.96 -19.62
C TYR A 50 32.42 -12.02 -19.78
N GLY A 51 32.97 -11.14 -20.61
CA GLY A 51 34.40 -11.07 -20.82
C GLY A 51 34.98 -12.16 -21.70
N VAL A 52 34.15 -13.08 -22.18
CA VAL A 52 34.56 -14.12 -23.12
C VAL A 52 33.45 -14.30 -24.12
N SER A 53 33.81 -14.80 -25.31
CA SER A 53 32.80 -15.07 -26.32
C SER A 53 32.16 -16.43 -26.04
N PRO A 54 30.83 -16.49 -25.97
CA PRO A 54 30.18 -17.78 -25.64
C PRO A 54 30.44 -18.87 -26.66
N THR A 55 30.70 -18.51 -27.92
CA THR A 55 30.88 -19.49 -28.97
C THR A 55 32.33 -19.91 -29.18
N LYS A 56 33.28 -19.28 -28.49
CA LYS A 56 34.70 -19.54 -28.70
C LYS A 56 35.34 -20.27 -27.53
N LEU A 57 34.55 -20.77 -26.57
CA LEU A 57 35.10 -21.33 -25.35
C LEU A 57 36.03 -22.50 -25.62
N ASN A 58 35.75 -23.30 -26.66
CA ASN A 58 36.60 -24.45 -26.95
C ASN A 58 37.99 -24.05 -27.47
N ASP A 59 38.20 -22.78 -27.80
CA ASP A 59 39.48 -22.31 -28.31
C ASP A 59 40.32 -21.61 -27.24
N LEU A 60 39.91 -21.65 -25.98
CA LEU A 60 40.53 -20.84 -24.94
C LEU A 60 41.26 -21.70 -23.92
N CYS A 61 42.33 -21.13 -23.38
CA CYS A 61 43.10 -21.73 -22.29
C CYS A 61 43.01 -20.83 -21.07
N PHE A 62 42.86 -21.44 -19.89
CA PHE A 62 42.85 -20.69 -18.64
C PHE A 62 43.72 -21.39 -17.62
N THR A 63 44.12 -20.62 -16.59
CA THR A 63 44.91 -21.18 -15.50
C THR A 63 44.07 -22.19 -14.71
N ASN A 64 42.90 -21.76 -14.25
CA ASN A 64 41.95 -22.65 -13.61
C ASN A 64 40.55 -22.25 -14.03
N VAL A 65 39.59 -23.13 -13.74
CA VAL A 65 38.18 -22.81 -13.94
C VAL A 65 37.44 -23.21 -12.67
N TYR A 66 36.57 -22.33 -12.19
CA TYR A 66 35.73 -22.65 -11.04
C TYR A 66 34.31 -22.88 -11.51
N ALA A 67 33.67 -23.91 -10.99
CA ALA A 67 32.27 -24.19 -11.28
C ALA A 67 31.52 -24.13 -9.95
N ASP A 68 30.78 -23.05 -9.75
CA ASP A 68 29.94 -22.87 -8.57
C ASP A 68 28.51 -23.28 -8.91
N SER A 69 27.80 -23.84 -7.93
CA SER A 69 26.45 -24.31 -8.23
C SER A 69 25.55 -24.23 -7.00
N PHE A 70 24.28 -23.99 -7.27
CA PHE A 70 23.29 -23.76 -6.22
C PHE A 70 21.91 -23.65 -6.86
N VAL A 71 20.88 -23.54 -6.01
CA VAL A 71 19.49 -23.41 -6.44
C VAL A 71 18.96 -22.07 -5.95
N ILE A 72 18.27 -21.34 -6.82
CA ILE A 72 17.55 -20.12 -6.44
C ILE A 72 16.20 -20.10 -7.15
N ARG A 73 15.43 -19.05 -6.89
CA ARG A 73 14.18 -18.86 -7.61
C ARG A 73 14.45 -18.39 -9.03
N GLY A 74 13.52 -18.73 -9.93
CA GLY A 74 13.61 -18.25 -11.30
C GLY A 74 13.83 -16.75 -11.37
N ASP A 75 12.97 -15.98 -10.70
CA ASP A 75 13.04 -14.53 -10.77
C ASP A 75 14.29 -13.96 -10.10
N GLU A 76 15.11 -14.80 -9.49
CA GLU A 76 16.37 -14.38 -8.89
C GLU A 76 17.58 -14.68 -9.77
N VAL A 77 17.41 -15.42 -10.88
CA VAL A 77 18.56 -15.73 -11.72
C VAL A 77 19.19 -14.46 -12.29
N ARG A 78 18.38 -13.42 -12.53
CA ARG A 78 18.93 -12.16 -13.00
C ARG A 78 19.92 -11.55 -12.02
N GLN A 79 19.89 -11.95 -10.75
CA GLN A 79 20.86 -11.40 -9.81
C GLN A 79 22.23 -12.06 -9.93
N ILE A 80 22.33 -13.19 -10.63
CA ILE A 80 23.62 -13.84 -10.82
C ILE A 80 24.26 -13.22 -12.06
N ALA A 81 24.73 -11.99 -11.92
CA ALA A 81 25.35 -11.23 -12.99
C ALA A 81 26.20 -10.13 -12.35
N PRO A 82 27.21 -9.62 -13.06
CA PRO A 82 27.97 -8.49 -12.51
C PRO A 82 27.03 -7.33 -12.24
N GLY A 83 27.30 -6.60 -11.16
CA GLY A 83 26.66 -5.31 -10.93
C GLY A 83 25.26 -5.34 -10.35
N GLN A 84 24.78 -6.50 -9.92
CA GLN A 84 23.40 -6.60 -9.46
C GLN A 84 23.28 -6.46 -7.94
N THR A 85 22.08 -6.10 -7.51
CA THR A 85 21.74 -6.06 -6.09
C THR A 85 20.43 -6.82 -5.90
N GLY A 86 20.11 -7.05 -4.63
CA GLY A 86 19.02 -7.91 -4.23
C GLY A 86 19.49 -8.92 -3.20
N LYS A 87 18.51 -9.64 -2.65
CA LYS A 87 18.83 -10.49 -1.51
C LYS A 87 19.87 -11.54 -1.89
N ILE A 88 19.82 -12.04 -3.12
CA ILE A 88 20.75 -13.10 -3.47
C ILE A 88 22.14 -12.52 -3.72
N ALA A 89 22.23 -11.50 -4.58
CA ALA A 89 23.52 -10.89 -4.86
C ALA A 89 24.13 -10.28 -3.61
N ASP A 90 23.31 -9.65 -2.76
CA ASP A 90 23.83 -8.97 -1.57
C ASP A 90 24.22 -9.96 -0.47
N TYR A 91 23.41 -11.00 -0.21
CA TYR A 91 23.61 -11.79 1.00
C TYR A 91 23.91 -13.26 0.75
N ASN A 92 23.94 -13.72 -0.50
CA ASN A 92 24.05 -15.15 -0.74
C ASN A 92 25.15 -15.51 -1.74
N TYR A 93 25.13 -14.93 -2.95
CA TYR A 93 26.16 -15.22 -3.93
C TYR A 93 26.41 -14.01 -4.81
N LYS A 94 27.62 -13.48 -4.77
CA LYS A 94 27.97 -12.20 -5.40
C LYS A 94 29.04 -12.40 -6.46
N LEU A 95 28.73 -12.02 -7.69
CA LEU A 95 29.74 -11.95 -8.74
C LEU A 95 30.47 -10.61 -8.70
N PRO A 96 31.76 -10.59 -9.04
CA PRO A 96 32.48 -9.31 -9.09
C PRO A 96 32.02 -8.48 -10.27
N ASP A 97 32.29 -7.18 -10.18
CA ASP A 97 31.94 -6.27 -11.28
C ASP A 97 32.73 -6.63 -12.54
N ASP A 98 33.98 -7.06 -12.40
CA ASP A 98 34.83 -7.42 -13.55
C ASP A 98 34.79 -8.93 -13.83
N PHE A 99 33.60 -9.52 -13.78
CA PHE A 99 33.47 -10.97 -13.92
C PHE A 99 33.90 -11.45 -15.31
N THR A 100 34.66 -12.54 -15.34
CA THR A 100 34.99 -13.23 -16.59
C THR A 100 34.51 -14.68 -16.46
N GLY A 101 33.46 -15.02 -17.19
CA GLY A 101 32.90 -16.35 -17.10
C GLY A 101 31.48 -16.36 -17.62
N CYS A 102 30.79 -17.47 -17.36
CA CYS A 102 29.45 -17.70 -17.88
C CYS A 102 28.52 -18.14 -16.75
N VAL A 103 27.25 -17.80 -16.91
CA VAL A 103 26.20 -18.14 -15.97
C VAL A 103 25.19 -18.97 -16.73
N ILE A 104 24.91 -20.17 -16.22
CA ILE A 104 24.03 -21.14 -16.84
C ILE A 104 22.95 -21.48 -15.83
N ALA A 105 21.70 -21.53 -16.28
CA ALA A 105 20.61 -21.90 -15.39
C ALA A 105 19.57 -22.71 -16.15
N TRP A 106 18.89 -23.57 -15.40
CA TRP A 106 17.76 -24.32 -15.93
C TRP A 106 16.74 -24.57 -14.84
N ASN A 107 15.48 -24.69 -15.26
CA ASN A 107 14.37 -24.96 -14.37
C ASN A 107 14.49 -26.37 -13.77
N SER A 108 14.40 -26.47 -12.45
CA SER A 108 14.55 -27.75 -11.77
C SER A 108 13.31 -28.09 -10.95
N ASN A 109 12.15 -27.59 -11.39
CA ASN A 109 10.90 -27.84 -10.68
C ASN A 109 10.67 -29.33 -10.45
N ASN A 110 11.01 -30.17 -11.43
CA ASN A 110 10.76 -31.60 -11.33
C ASN A 110 11.63 -32.29 -10.29
N LEU A 111 12.79 -31.70 -9.96
CA LEU A 111 13.68 -32.30 -8.97
C LEU A 111 13.63 -31.62 -7.62
N ASP A 112 13.36 -30.32 -7.57
CA ASP A 112 13.64 -29.54 -6.37
C ASP A 112 12.41 -28.96 -5.70
N SER A 113 11.22 -29.14 -6.26
CA SER A 113 10.00 -28.73 -5.57
C SER A 113 9.32 -29.94 -4.96
N LYS A 114 8.55 -29.70 -3.89
CA LYS A 114 7.85 -30.77 -3.20
C LYS A 114 6.43 -30.32 -2.87
N VAL A 115 5.50 -31.28 -2.87
CA VAL A 115 4.12 -30.98 -2.49
C VAL A 115 4.08 -30.48 -1.06
N GLY A 116 3.41 -29.35 -0.84
CA GLY A 116 3.40 -28.71 0.44
C GLY A 116 4.64 -27.89 0.74
N GLY A 117 5.56 -27.78 -0.21
CA GLY A 117 6.76 -27.00 -0.03
C GLY A 117 7.99 -27.85 0.19
N ASN A 118 9.06 -27.55 -0.53
CA ASN A 118 10.38 -28.11 -0.23
C ASN A 118 11.08 -27.10 0.67
N TYR A 119 11.33 -27.49 1.91
CA TYR A 119 11.95 -26.57 2.86
C TYR A 119 13.43 -26.85 3.07
N ASN A 120 14.05 -27.67 2.21
CA ASN A 120 15.47 -27.93 2.31
C ASN A 120 16.33 -26.87 1.62
N TYR A 121 15.82 -26.14 0.63
CA TYR A 121 16.60 -25.09 -0.01
C TYR A 121 16.39 -23.78 0.73
N LEU A 122 17.49 -23.18 1.19
CA LEU A 122 17.47 -21.99 2.01
C LEU A 122 18.19 -20.85 1.31
N TYR A 123 17.89 -19.63 1.74
CA TYR A 123 18.69 -18.47 1.38
C TYR A 123 18.86 -17.63 2.65
N ARG A 124 19.91 -16.82 2.66
CA ARG A 124 20.14 -15.92 3.79
C ARG A 124 19.30 -14.68 3.56
N LEU A 125 18.42 -14.38 4.51
CA LEU A 125 17.58 -13.19 4.46
C LEU A 125 18.18 -12.02 5.22
N PHE A 126 18.78 -12.26 6.38
CA PHE A 126 19.30 -11.21 7.24
C PHE A 126 20.81 -11.25 7.26
N ARG A 127 21.44 -10.15 6.90
CA ARG A 127 22.89 -9.97 7.01
C ARG A 127 23.13 -8.47 7.06
N LYS A 128 24.02 -8.04 7.95
CA LYS A 128 24.22 -6.61 8.16
C LYS A 128 24.92 -5.93 6.99
N SER A 129 25.72 -6.66 6.21
CA SER A 129 26.47 -6.04 5.13
C SER A 129 26.48 -6.97 3.93
N ASN A 130 26.77 -6.40 2.76
CA ASN A 130 26.80 -7.18 1.53
C ASN A 130 28.01 -8.11 1.52
N LEU A 131 27.87 -9.24 0.84
CA LEU A 131 28.99 -10.12 0.59
C LEU A 131 29.98 -9.49 -0.40
N LYS A 132 31.26 -9.77 -0.20
CA LYS A 132 32.25 -9.55 -1.22
C LYS A 132 32.08 -10.58 -2.34
N PRO A 133 32.61 -10.31 -3.53
CA PRO A 133 32.52 -11.30 -4.62
C PRO A 133 33.11 -12.64 -4.20
N PHE A 134 32.37 -13.71 -4.51
CA PHE A 134 32.78 -15.09 -4.23
C PHE A 134 32.96 -15.34 -2.73
N GLU A 135 32.26 -14.57 -1.89
CA GLU A 135 32.22 -14.90 -0.48
C GLU A 135 31.07 -15.86 -0.19
N ARG A 136 31.29 -16.73 0.80
CA ARG A 136 30.32 -17.75 1.19
C ARG A 136 30.15 -17.67 2.69
N ASP A 137 28.96 -17.28 3.13
CA ASP A 137 28.64 -17.12 4.55
C ASP A 137 27.74 -18.26 4.97
N ILE A 138 28.22 -19.12 5.86
CA ILE A 138 27.43 -20.23 6.36
C ILE A 138 27.09 -20.07 7.83
N SER A 139 27.26 -18.86 8.38
CA SER A 139 26.85 -18.58 9.74
C SER A 139 25.35 -18.86 9.94
N THR A 140 25.01 -19.47 11.08
CA THR A 140 23.62 -19.55 11.52
C THR A 140 23.40 -18.78 12.82
N GLU A 141 24.25 -17.79 13.11
CA GLU A 141 24.10 -16.98 14.31
C GLU A 141 22.79 -16.22 14.25
N ILE A 142 22.12 -16.10 15.41
CA ILE A 142 20.88 -15.34 15.49
C ILE A 142 21.15 -13.88 15.13
N TYR A 143 20.28 -13.31 14.30
CA TYR A 143 20.52 -11.98 13.74
C TYR A 143 19.90 -10.93 14.66
N GLN A 144 20.72 -9.97 15.09
CA GLN A 144 20.33 -8.97 16.07
C GLN A 144 19.85 -7.72 15.34
N ALA A 145 18.54 -7.49 15.34
CA ALA A 145 17.92 -6.38 14.62
C ALA A 145 17.67 -5.16 15.49
N GLY A 146 18.04 -5.21 16.77
CA GLY A 146 17.93 -4.07 17.65
C GLY A 146 19.21 -3.89 18.42
N SER A 147 19.19 -3.14 19.51
CA SER A 147 20.41 -2.93 20.29
C SER A 147 20.60 -3.96 21.41
N THR A 148 19.63 -4.84 21.63
CA THR A 148 19.69 -5.84 22.70
C THR A 148 20.36 -7.10 22.19
N PRO A 149 21.36 -7.64 22.89
CA PRO A 149 21.99 -8.88 22.44
C PRO A 149 20.98 -10.02 22.43
N CYS A 150 21.16 -10.95 21.50
CA CYS A 150 20.24 -12.06 21.39
C CYS A 150 20.61 -13.25 22.27
N ASN A 151 21.90 -13.43 22.53
CA ASN A 151 22.39 -14.52 23.38
C ASN A 151 21.85 -15.87 22.90
N GLY A 152 21.75 -16.01 21.58
CA GLY A 152 21.48 -17.28 20.95
C GLY A 152 20.04 -17.73 20.91
N VAL A 153 19.09 -16.91 21.36
CA VAL A 153 17.69 -17.31 21.38
C VAL A 153 16.87 -16.38 20.50
N GLU A 154 15.95 -16.96 19.73
CA GLU A 154 15.09 -16.19 18.85
C GLU A 154 13.96 -15.54 19.64
N GLY A 155 13.46 -14.45 19.09
CA GLY A 155 12.48 -13.61 19.75
C GLY A 155 12.44 -12.28 19.03
N PHE A 156 11.83 -11.29 19.67
CA PHE A 156 11.74 -9.99 19.04
C PHE A 156 13.14 -9.42 18.76
N ASN A 157 13.34 -8.91 17.54
CA ASN A 157 14.61 -8.33 17.09
C ASN A 157 15.73 -9.35 17.06
N CYS A 158 15.41 -10.65 17.10
CA CYS A 158 16.40 -11.72 17.16
C CYS A 158 15.95 -12.86 16.24
N TYR A 159 16.47 -12.89 15.02
CA TYR A 159 15.88 -13.72 13.98
C TYR A 159 16.88 -14.73 13.43
N PHE A 160 16.39 -15.93 13.15
CA PHE A 160 17.22 -16.90 12.46
C PHE A 160 17.52 -16.35 11.07
N PRO A 161 18.80 -16.30 10.65
CA PRO A 161 19.14 -15.52 9.44
C PRO A 161 18.77 -16.20 8.14
N LEU A 162 18.59 -17.52 8.14
CA LEU A 162 18.27 -18.27 6.94
C LEU A 162 16.78 -18.53 6.86
N GLN A 163 16.26 -18.56 5.63
CA GLN A 163 14.85 -18.78 5.41
C GLN A 163 14.67 -19.77 4.26
N SER A 164 13.64 -20.58 4.38
CA SER A 164 13.37 -21.59 3.36
C SER A 164 12.63 -21.00 2.18
N TYR A 165 13.00 -21.43 0.98
CA TYR A 165 12.14 -21.26 -0.17
C TYR A 165 10.92 -22.15 -0.01
N GLY A 166 9.81 -21.74 -0.58
CA GLY A 166 8.65 -22.59 -0.40
C GLY A 166 8.35 -23.41 -1.62
N PHE A 167 9.38 -24.01 -2.23
CA PHE A 167 9.24 -24.58 -3.57
C PHE A 167 8.17 -25.66 -3.61
N GLN A 168 7.03 -25.35 -4.22
CA GLN A 168 6.02 -26.36 -4.51
C GLN A 168 5.84 -26.42 -6.02
N PRO A 169 5.51 -27.60 -6.57
CA PRO A 169 5.52 -27.75 -8.03
C PRO A 169 4.48 -26.93 -8.75
N THR A 170 3.46 -26.44 -8.05
CA THR A 170 2.43 -25.59 -8.63
C THR A 170 2.76 -24.10 -8.53
N ASN A 171 3.97 -23.75 -8.09
CA ASN A 171 4.40 -22.36 -8.11
C ASN A 171 4.40 -21.82 -9.54
N GLY A 172 4.15 -20.52 -9.68
CA GLY A 172 4.40 -19.85 -10.94
C GLY A 172 5.83 -20.05 -11.38
N VAL A 173 6.08 -20.10 -12.69
CA VAL A 173 7.40 -20.50 -13.18
C VAL A 173 8.49 -19.55 -12.67
N GLY A 174 8.20 -18.26 -12.61
CA GLY A 174 9.17 -17.32 -12.08
C GLY A 174 9.56 -17.58 -10.66
N TYR A 175 8.73 -18.29 -9.91
CA TYR A 175 9.03 -18.62 -8.52
C TYR A 175 9.42 -20.10 -8.34
N GLN A 176 9.62 -20.82 -9.43
CA GLN A 176 10.06 -22.21 -9.35
C GLN A 176 11.57 -22.29 -9.12
N PRO A 177 12.07 -23.43 -8.63
CA PRO A 177 13.53 -23.56 -8.44
C PRO A 177 14.27 -23.64 -9.76
N TYR A 178 15.45 -23.01 -9.79
CA TYR A 178 16.37 -23.07 -10.91
C TYR A 178 17.73 -23.49 -10.40
N ARG A 179 18.31 -24.51 -11.05
CA ARG A 179 19.69 -24.86 -10.80
C ARG A 179 20.58 -23.92 -11.60
N VAL A 180 21.61 -23.40 -10.94
CA VAL A 180 22.53 -22.45 -11.52
C VAL A 180 23.94 -22.99 -11.39
N VAL A 181 24.68 -22.88 -12.48
CA VAL A 181 26.12 -23.12 -12.49
C VAL A 181 26.81 -21.88 -13.02
N VAL A 182 27.83 -21.43 -12.29
CA VAL A 182 28.65 -20.29 -12.67
C VAL A 182 30.04 -20.80 -12.98
N LEU A 183 30.49 -20.60 -14.21
CA LEU A 183 31.84 -20.93 -14.61
C LEU A 183 32.68 -19.65 -14.57
N SER A 184 33.70 -19.64 -13.72
CA SER A 184 34.64 -18.52 -13.63
C SER A 184 35.96 -18.96 -14.25
N PHE A 185 36.44 -18.18 -15.21
CA PHE A 185 37.66 -18.48 -15.94
C PHE A 185 38.79 -17.65 -15.34
N GLU A 186 39.78 -18.33 -14.74
CA GLU A 186 40.87 -17.68 -14.05
C GLU A 186 42.11 -17.77 -14.94
N LEU A 187 42.61 -16.61 -15.34
CA LEU A 187 43.83 -16.46 -16.12
C LEU A 187 44.85 -15.75 -15.25
N LEU A 188 45.81 -16.50 -14.72
CA LEU A 188 46.90 -15.96 -13.92
C LEU A 188 48.18 -15.91 -14.75
N HIS A 189 49.13 -15.10 -14.29
CA HIS A 189 50.47 -15.07 -14.88
C HIS A 189 51.17 -16.36 -14.49
N ALA A 190 50.80 -17.44 -15.18
CA ALA A 190 51.23 -18.80 -14.88
C ALA A 190 50.80 -19.69 -16.04
N PRO A 191 51.39 -20.87 -16.18
CA PRO A 191 50.98 -21.75 -17.28
C PRO A 191 49.52 -22.15 -17.17
N ALA A 192 48.83 -22.13 -18.30
CA ALA A 192 47.44 -22.54 -18.35
C ALA A 192 47.33 -24.05 -18.14
N THR A 193 46.31 -24.48 -17.40
CA THR A 193 46.08 -25.90 -17.16
C THR A 193 44.73 -26.40 -17.62
N VAL A 194 43.80 -25.52 -17.99
CA VAL A 194 42.50 -25.92 -18.51
C VAL A 194 42.39 -25.32 -19.91
N CYS A 195 42.48 -26.18 -20.93
CA CYS A 195 42.42 -25.75 -22.31
C CYS A 195 41.30 -26.45 -23.04
N GLY A 196 40.70 -25.73 -23.98
CA GLY A 196 39.75 -26.33 -24.89
C GLY A 196 40.50 -27.05 -25.99
N GLU B 1 10.47 1.95 24.64
CA GLU B 1 9.34 1.54 23.81
C GLU B 1 9.77 1.46 22.34
N VAL B 2 9.11 0.59 21.58
CA VAL B 2 9.41 0.40 20.16
C VAL B 2 8.50 1.33 19.37
N GLN B 3 9.08 2.31 18.69
CA GLN B 3 8.27 3.21 17.90
C GLN B 3 9.07 3.80 16.76
N LEU B 4 8.32 4.28 15.77
CA LEU B 4 8.83 5.06 14.65
C LEU B 4 8.08 6.38 14.64
N VAL B 5 8.81 7.49 14.76
CA VAL B 5 8.21 8.81 14.88
C VAL B 5 8.56 9.57 13.61
N GLU B 6 7.55 9.88 12.81
CA GLU B 6 7.73 10.52 11.52
C GLU B 6 7.55 12.02 11.65
N SER B 7 8.20 12.75 10.73
CA SER B 7 8.02 14.18 10.61
C SER B 7 8.44 14.59 9.21
N GLY B 8 8.19 15.86 8.87
CA GLY B 8 8.64 16.41 7.61
C GLY B 8 7.54 16.63 6.58
N GLY B 9 6.38 16.03 6.76
CA GLY B 9 5.28 16.30 5.85
C GLY B 9 4.82 17.74 5.90
N GLY B 10 4.14 18.16 4.84
CA GLY B 10 3.60 19.50 4.80
C GLY B 10 3.06 19.80 3.42
N LEU B 11 2.78 21.08 3.21
CA LEU B 11 2.28 21.58 1.95
C LEU B 11 3.45 21.95 1.05
N ILE B 12 3.40 21.54 -0.21
CA ILE B 12 4.48 21.83 -1.16
C ILE B 12 3.87 22.03 -2.54
N GLN B 13 4.45 22.94 -3.32
CA GLN B 13 3.98 23.13 -4.68
C GLN B 13 4.54 22.05 -5.62
N PRO B 14 3.84 21.76 -6.73
CA PRO B 14 4.37 20.81 -7.71
C PRO B 14 5.76 21.22 -8.20
N GLY B 15 6.63 20.23 -8.34
CA GLY B 15 8.02 20.46 -8.68
C GLY B 15 8.92 20.69 -7.48
N GLY B 16 8.35 20.98 -6.31
CA GLY B 16 9.14 21.20 -5.11
C GLY B 16 9.66 19.91 -4.48
N SER B 17 10.38 20.09 -3.36
CA SER B 17 10.99 18.96 -2.66
C SER B 17 10.61 18.99 -1.18
N LEU B 18 10.51 17.80 -0.59
CA LEU B 18 10.33 17.67 0.85
C LEU B 18 11.23 16.54 1.32
N ARG B 19 11.62 16.59 2.59
CA ARG B 19 12.33 15.46 3.20
C ARG B 19 11.54 14.95 4.40
N LEU B 20 11.15 13.68 4.36
CA LEU B 20 10.52 13.03 5.49
C LEU B 20 11.55 12.30 6.33
N SER B 21 11.31 12.29 7.65
CA SER B 21 12.19 11.63 8.61
C SER B 21 11.37 10.66 9.45
N CYS B 22 12.04 9.60 9.89
CA CYS B 22 11.41 8.51 10.63
C CYS B 22 12.42 8.11 11.70
N ALA B 23 12.28 8.66 12.90
CA ALA B 23 13.23 8.45 13.98
C ALA B 23 12.79 7.20 14.74
N ALA B 24 13.70 6.25 14.88
CA ALA B 24 13.37 4.95 15.44
C ALA B 24 13.84 4.82 16.89
N SER B 25 13.05 4.11 17.69
CA SER B 25 13.53 3.62 18.97
C SER B 25 13.09 2.16 19.13
N GLY B 26 13.98 1.33 19.65
CA GLY B 26 13.67 -0.06 19.87
C GLY B 26 13.97 -0.98 18.71
N ILE B 27 14.30 -0.43 17.55
CA ILE B 27 14.88 -1.17 16.43
C ILE B 27 16.07 -0.36 15.93
N THR B 28 17.02 -1.05 15.30
CA THR B 28 18.19 -0.39 14.71
C THR B 28 17.92 -0.25 13.22
N VAL B 29 17.78 0.98 12.75
CA VAL B 29 17.38 1.22 11.36
C VAL B 29 18.35 0.56 10.39
N THR B 30 19.66 0.71 10.63
CA THR B 30 20.62 0.21 9.65
C THR B 30 20.72 -1.31 9.67
N SER B 31 20.10 -1.98 10.66
CA SER B 31 20.09 -3.43 10.71
C SER B 31 18.86 -4.06 10.06
N ASN B 32 17.97 -3.26 9.49
CA ASN B 32 16.67 -3.74 9.07
C ASN B 32 16.36 -3.37 7.64
N TYR B 33 15.51 -4.19 7.01
CA TYR B 33 14.73 -3.76 5.87
C TYR B 33 13.77 -2.67 6.33
N MET B 34 13.93 -1.46 5.82
CA MET B 34 13.07 -0.32 6.20
C MET B 34 12.37 0.22 4.97
N SER B 35 11.05 0.42 5.07
CA SER B 35 10.24 0.78 3.91
C SER B 35 9.46 2.06 4.18
N TRP B 36 9.11 2.73 3.07
CA TRP B 36 8.07 3.74 3.03
C TRP B 36 6.90 3.21 2.22
N VAL B 37 5.70 3.43 2.76
CA VAL B 37 4.43 3.03 2.20
C VAL B 37 3.51 4.25 2.27
N ARG B 38 2.81 4.55 1.19
CA ARG B 38 1.94 5.73 1.25
C ARG B 38 0.49 5.36 0.99
N GLN B 39 -0.39 6.31 1.33
CA GLN B 39 -1.83 6.10 1.23
C GLN B 39 -2.47 7.42 0.82
N ALA B 40 -2.90 7.50 -0.43
CA ALA B 40 -3.57 8.69 -0.92
C ALA B 40 -4.95 8.78 -0.29
N PRO B 41 -5.53 10.00 -0.23
CA PRO B 41 -6.83 10.17 0.45
C PRO B 41 -7.91 9.22 -0.03
N GLY B 42 -8.44 8.42 0.89
CA GLY B 42 -9.51 7.51 0.55
C GLY B 42 -9.07 6.27 -0.21
N LYS B 43 -7.78 6.02 -0.33
CA LYS B 43 -7.32 4.90 -1.15
C LYS B 43 -6.55 3.91 -0.30
N GLY B 44 -6.02 2.87 -0.96
CA GLY B 44 -5.31 1.82 -0.26
C GLY B 44 -3.85 2.13 -0.05
N LEU B 45 -3.12 1.11 0.40
CA LEU B 45 -1.70 1.23 0.71
C LEU B 45 -0.86 0.96 -0.53
N GLU B 46 0.21 1.75 -0.70
CA GLU B 46 1.12 1.64 -1.83
C GLU B 46 2.55 1.66 -1.33
N TRP B 47 3.27 0.56 -1.55
CA TRP B 47 4.69 0.54 -1.24
C TRP B 47 5.45 1.52 -2.11
N VAL B 48 6.37 2.27 -1.50
CA VAL B 48 7.10 3.32 -2.16
C VAL B 48 8.58 2.98 -2.30
N SER B 49 9.19 2.50 -1.22
CA SER B 49 10.64 2.34 -1.29
C SER B 49 11.13 1.47 -0.14
N VAL B 50 12.28 0.81 -0.34
CA VAL B 50 12.90 0.03 0.72
C VAL B 50 14.41 0.26 0.69
N ILE B 51 15.02 0.20 1.87
CA ILE B 51 16.46 0.10 1.99
C ILE B 51 16.79 -1.14 2.82
N TYR B 52 17.69 -1.98 2.28
CA TYR B 52 18.08 -3.24 2.86
C TYR B 52 19.08 -3.01 3.99
N PRO B 53 19.29 -4.00 4.88
CA PRO B 53 20.30 -3.79 5.92
C PRO B 53 21.68 -3.49 5.36
N GLY B 54 22.06 -4.15 4.27
CA GLY B 54 23.36 -3.91 3.67
C GLY B 54 23.44 -2.66 2.80
N GLY B 55 22.34 -1.99 2.56
CA GLY B 55 22.37 -0.69 1.91
C GLY B 55 21.73 -0.61 0.55
N SER B 56 21.37 -1.74 -0.07
CA SER B 56 20.70 -1.69 -1.36
C SER B 56 19.34 -1.00 -1.24
N THR B 57 18.99 -0.22 -2.25
CA THR B 57 17.73 0.52 -2.26
C THR B 57 16.90 0.12 -3.47
N PHE B 58 15.58 0.14 -3.28
CA PHE B 58 14.63 -0.15 -4.36
C PHE B 58 13.42 0.77 -4.24
N TYR B 59 12.78 1.03 -5.39
CA TYR B 59 11.74 2.04 -5.52
C TYR B 59 10.61 1.53 -6.38
N ALA B 60 9.38 1.94 -6.05
CA ALA B 60 8.26 1.79 -6.96
C ALA B 60 8.51 2.57 -8.24
N ASP B 61 8.00 2.04 -9.35
CA ASP B 61 8.16 2.71 -10.64
C ASP B 61 7.66 4.15 -10.60
N SER B 62 6.59 4.41 -9.84
CA SER B 62 5.95 5.72 -9.82
C SER B 62 6.80 6.81 -9.16
N VAL B 63 7.83 6.43 -8.41
CA VAL B 63 8.70 7.40 -7.77
C VAL B 63 10.16 7.27 -8.20
N LYS B 64 10.48 6.32 -9.08
CA LYS B 64 11.87 6.14 -9.50
C LYS B 64 12.41 7.42 -10.15
N GLY B 65 13.64 7.77 -9.76
CA GLY B 65 14.27 8.96 -10.28
C GLY B 65 13.86 10.24 -9.58
N ARG B 66 12.84 10.19 -8.72
CA ARG B 66 12.39 11.36 -7.99
C ARG B 66 12.61 11.24 -6.50
N PHE B 67 12.48 10.05 -5.92
CA PHE B 67 12.62 9.86 -4.49
C PHE B 67 13.93 9.14 -4.20
N THR B 68 14.50 9.45 -3.02
CA THR B 68 15.73 8.81 -2.56
C THR B 68 15.54 8.41 -1.10
N ILE B 69 15.64 7.13 -0.81
CA ILE B 69 15.59 6.66 0.57
C ILE B 69 17.00 6.65 1.14
N SER B 70 17.13 7.00 2.42
CA SER B 70 18.46 6.97 3.03
C SER B 70 18.32 6.80 4.53
N ARG B 71 19.45 6.75 5.23
CA ARG B 71 19.41 6.50 6.65
C ARG B 71 20.65 7.08 7.32
N ASP B 72 20.53 7.30 8.62
CA ASP B 72 21.62 7.83 9.44
C ASP B 72 21.67 7.00 10.73
N ASN B 73 22.76 6.24 10.89
CA ASN B 73 22.88 5.35 12.01
C ASN B 73 23.01 6.10 13.34
N SER B 74 23.80 7.18 13.35
CA SER B 74 24.03 7.88 14.61
C SER B 74 22.74 8.51 15.14
N LYS B 75 21.82 8.88 14.26
CA LYS B 75 20.51 9.38 14.66
C LYS B 75 19.45 8.28 14.68
N ASN B 76 19.83 7.06 14.26
CA ASN B 76 18.91 5.93 14.10
C ASN B 76 17.63 6.37 13.38
N THR B 77 17.81 6.97 12.22
CA THR B 77 16.71 7.61 11.51
C THR B 77 16.72 7.20 10.05
N LEU B 78 15.51 6.98 9.53
CA LEU B 78 15.27 6.71 8.11
C LEU B 78 14.75 7.98 7.46
N TYR B 79 15.13 8.23 6.20
CA TYR B 79 14.72 9.43 5.49
C TYR B 79 14.12 9.06 4.13
N LEU B 80 13.24 9.93 3.65
CA LEU B 80 12.79 9.90 2.25
C LEU B 80 12.90 11.31 1.68
N GLN B 81 13.84 11.50 0.77
CA GLN B 81 13.96 12.75 0.02
C GLN B 81 13.04 12.66 -1.20
N MET B 82 12.08 13.58 -1.30
CA MET B 82 11.11 13.56 -2.39
C MET B 82 11.35 14.81 -3.23
N ASN B 83 11.82 14.62 -4.46
CA ASN B 83 12.03 15.72 -5.40
C ASN B 83 10.99 15.66 -6.52
N SER B 84 10.88 16.79 -7.25
CA SER B 84 9.95 16.92 -8.37
C SER B 84 8.58 16.35 -8.02
N LEU B 85 8.04 16.78 -6.89
CA LEU B 85 6.77 16.27 -6.39
C LEU B 85 5.62 16.63 -7.34
N ARG B 86 4.64 15.74 -7.39
CA ARG B 86 3.48 15.92 -8.24
C ARG B 86 2.22 15.84 -7.38
N ALA B 87 1.12 16.37 -7.92
CA ALA B 87 -0.18 16.32 -7.24
C ALA B 87 -0.49 14.90 -6.75
N GLU B 88 -0.30 13.90 -7.61
CA GLU B 88 -0.65 12.53 -7.23
C GLU B 88 0.30 11.93 -6.19
N ASP B 89 1.34 12.65 -5.75
CA ASP B 89 2.12 12.19 -4.60
C ASP B 89 1.48 12.58 -3.27
N THR B 90 0.37 13.32 -3.30
CA THR B 90 -0.35 13.68 -2.09
C THR B 90 -0.83 12.41 -1.37
N ALA B 91 -0.45 12.26 -0.10
CA ALA B 91 -0.74 11.02 0.61
C ALA B 91 -0.28 11.18 2.05
N VAL B 92 -0.71 10.25 2.89
CA VAL B 92 -0.05 10.00 4.17
C VAL B 92 1.09 9.02 3.91
N TYR B 93 2.28 9.37 4.36
CA TYR B 93 3.46 8.53 4.18
C TYR B 93 3.78 7.85 5.51
N TYR B 94 3.93 6.54 5.49
CA TYR B 94 4.27 5.74 6.65
C TYR B 94 5.65 5.15 6.44
N CYS B 95 6.44 5.10 7.49
CA CYS B 95 7.63 4.26 7.49
C CYS B 95 7.30 2.99 8.26
N ALA B 96 8.01 1.91 7.93
CA ALA B 96 7.74 0.65 8.59
C ALA B 96 8.97 -0.23 8.55
N ARG B 97 9.14 -1.02 9.60
CA ARG B 97 10.18 -2.05 9.62
C ARG B 97 9.60 -3.31 8.99
N ASP B 98 10.30 -3.85 8.00
CA ASP B 98 9.85 -4.99 7.24
C ASP B 98 10.70 -6.20 7.63
N LEU B 99 10.06 -7.20 8.22
CA LEU B 99 10.73 -8.46 8.52
C LEU B 99 10.63 -9.47 7.39
N VAL B 100 9.95 -9.08 6.31
CA VAL B 100 9.93 -9.77 5.02
C VAL B 100 9.16 -11.09 5.10
N VAL B 101 9.62 -12.01 5.95
CA VAL B 101 8.87 -13.24 6.15
C VAL B 101 7.94 -13.15 7.35
N TYR B 102 8.13 -12.15 8.23
CA TYR B 102 7.32 -12.00 9.43
C TYR B 102 6.46 -10.74 9.38
N GLY B 103 6.22 -10.19 8.19
CA GLY B 103 5.36 -9.04 8.03
C GLY B 103 6.07 -7.74 8.38
N MET B 104 5.32 -6.65 8.22
CA MET B 104 5.77 -5.32 8.60
C MET B 104 5.18 -5.05 9.98
N ASP B 105 5.97 -5.26 11.02
CA ASP B 105 5.42 -5.33 12.36
C ASP B 105 5.37 -3.98 13.07
N VAL B 106 6.26 -3.04 12.74
CA VAL B 106 6.34 -1.74 13.40
C VAL B 106 6.10 -0.66 12.34
N TRP B 107 5.17 0.25 12.63
CA TRP B 107 4.78 1.30 11.70
C TRP B 107 4.90 2.66 12.38
N GLY B 108 5.31 3.67 11.60
CA GLY B 108 5.22 5.04 12.07
C GLY B 108 3.76 5.49 12.14
N GLN B 109 3.57 6.67 12.73
CA GLN B 109 2.23 7.23 12.88
C GLN B 109 1.74 7.90 11.60
N GLY B 110 2.59 8.09 10.60
CA GLY B 110 2.21 8.72 9.36
C GLY B 110 2.50 10.21 9.36
N THR B 111 2.90 10.75 8.20
CA THR B 111 3.05 12.19 8.05
C THR B 111 2.41 12.58 6.72
N THR B 112 1.68 13.69 6.70
CA THR B 112 0.87 14.04 5.54
C THR B 112 1.64 14.92 4.58
N VAL B 113 1.61 14.56 3.30
CA VAL B 113 2.22 15.34 2.23
C VAL B 113 1.12 15.79 1.29
N THR B 114 1.02 17.10 1.09
CA THR B 114 0.00 17.67 0.21
C THR B 114 0.71 18.48 -0.86
N VAL B 115 0.56 18.06 -2.11
CA VAL B 115 1.22 18.71 -3.23
C VAL B 115 0.17 19.46 -4.03
N SER B 116 0.28 20.78 -4.06
CA SER B 116 -0.76 21.56 -4.71
C SER B 116 -0.20 22.92 -5.08
N SER B 117 -0.67 23.47 -6.19
CA SER B 117 -0.32 24.84 -6.54
C SER B 117 -1.28 25.86 -5.93
N ALA B 118 -2.22 25.44 -5.08
CA ALA B 118 -3.19 26.37 -4.49
C ALA B 118 -2.57 27.23 -3.39
N SER B 119 -3.08 28.44 -3.25
CA SER B 119 -2.66 29.32 -2.17
C SER B 119 -3.60 29.17 -0.98
N THR B 120 -3.05 29.32 0.22
CA THR B 120 -3.86 29.28 1.43
C THR B 120 -4.98 30.32 1.34
N LYS B 121 -6.20 29.89 1.65
CA LYS B 121 -7.39 30.72 1.46
C LYS B 121 -8.49 30.28 2.43
N GLY B 122 -9.08 31.26 3.12
CA GLY B 122 -10.19 30.99 4.01
C GLY B 122 -11.45 30.69 3.24
N PRO B 123 -12.39 29.97 3.87
CA PRO B 123 -13.64 29.61 3.19
C PRO B 123 -14.65 30.74 3.14
N SER B 124 -15.49 30.71 2.12
CA SER B 124 -16.77 31.40 2.13
C SER B 124 -17.80 30.47 2.78
N VAL B 125 -18.61 31.00 3.68
CA VAL B 125 -19.59 30.17 4.37
C VAL B 125 -20.98 30.63 3.98
N PHE B 126 -21.76 29.72 3.40
CA PHE B 126 -23.08 30.05 2.92
C PHE B 126 -24.14 29.24 3.66
N PRO B 127 -25.31 29.81 3.92
CA PRO B 127 -26.35 29.04 4.60
C PRO B 127 -27.00 28.03 3.67
N LEU B 128 -27.36 26.89 4.24
CA LEU B 128 -28.25 25.89 3.64
C LEU B 128 -29.55 26.03 4.42
N ALA B 129 -30.46 26.78 3.88
CA ALA B 129 -31.57 27.27 4.68
C ALA B 129 -32.65 26.18 4.79
N PRO B 130 -33.23 26.01 5.99
CA PRO B 130 -34.30 25.03 6.15
C PRO B 130 -35.47 25.35 5.23
N SER B 131 -35.94 24.33 4.53
CA SER B 131 -37.03 24.48 3.57
C SER B 131 -38.29 24.99 4.25
N SER B 132 -39.14 25.66 3.46
CA SER B 132 -40.43 26.09 3.95
C SER B 132 -41.49 25.00 3.83
N LYS B 133 -41.17 23.87 3.21
CA LYS B 133 -42.12 22.78 3.03
C LYS B 133 -41.90 21.67 4.06
N GLY B 138 -42.39 16.05 11.91
CA GLY B 138 -41.89 17.32 11.41
C GLY B 138 -40.44 17.56 11.74
N THR B 139 -39.56 17.09 10.86
CA THR B 139 -38.12 17.27 10.97
C THR B 139 -37.64 18.17 9.84
N ALA B 140 -36.84 19.18 10.19
CA ALA B 140 -36.23 20.05 9.19
C ALA B 140 -34.72 19.83 9.15
N ALA B 141 -34.14 20.02 7.98
CA ALA B 141 -32.70 19.99 7.82
C ALA B 141 -32.20 21.39 7.48
N LEU B 142 -31.07 21.77 8.06
CA LEU B 142 -30.42 23.03 7.73
C LEU B 142 -28.92 22.79 7.82
N GLY B 143 -28.14 23.77 7.39
CA GLY B 143 -26.70 23.56 7.38
C GLY B 143 -25.91 24.76 6.87
N CYS B 144 -24.62 24.52 6.69
CA CYS B 144 -23.67 25.48 6.15
C CYS B 144 -22.85 24.83 5.06
N LEU B 145 -22.66 25.56 3.96
CA LEU B 145 -21.76 25.19 2.88
C LEU B 145 -20.47 25.98 3.07
N VAL B 146 -19.37 25.28 3.36
CA VAL B 146 -18.08 25.86 3.63
C VAL B 146 -17.25 25.68 2.35
N LYS B 147 -17.16 26.72 1.53
CA LYS B 147 -16.69 26.56 0.15
C LYS B 147 -15.38 27.30 -0.08
N ASP B 148 -14.55 26.70 -0.95
CA ASP B 148 -13.41 27.36 -1.58
C ASP B 148 -12.33 27.74 -0.57
N TYR B 149 -11.87 26.75 0.21
CA TYR B 149 -10.78 26.97 1.15
C TYR B 149 -9.60 26.07 0.82
N PHE B 150 -8.43 26.42 1.38
CA PHE B 150 -7.22 25.64 1.19
C PHE B 150 -6.20 26.03 2.24
N PRO B 151 -5.47 25.07 2.84
CA PRO B 151 -5.60 23.61 2.69
C PRO B 151 -6.61 23.07 3.68
N GLU B 152 -6.74 21.75 3.77
CA GLU B 152 -7.46 21.17 4.89
C GLU B 152 -6.66 21.43 6.17
N PRO B 153 -7.34 21.39 7.33
CA PRO B 153 -8.74 21.09 7.54
C PRO B 153 -9.52 22.33 7.96
N VAL B 154 -10.84 22.26 7.92
CA VAL B 154 -11.70 23.19 8.64
C VAL B 154 -12.38 22.40 9.74
N THR B 155 -12.76 23.08 10.79
CA THR B 155 -13.62 22.50 11.80
C THR B 155 -14.94 23.27 11.81
N VAL B 156 -16.03 22.54 12.09
CA VAL B 156 -17.37 23.12 12.15
C VAL B 156 -18.03 22.68 13.45
N SER B 157 -18.54 23.63 14.21
CA SER B 157 -19.43 23.31 15.31
C SER B 157 -20.75 24.02 15.08
N TRP B 158 -21.75 23.66 15.89
CA TRP B 158 -23.06 24.30 15.81
C TRP B 158 -23.42 24.90 17.17
N ASN B 159 -23.84 26.17 17.15
CA ASN B 159 -24.21 26.89 18.36
C ASN B 159 -23.12 26.81 19.42
N SER B 160 -21.86 26.99 18.97
CA SER B 160 -20.68 27.05 19.85
C SER B 160 -20.46 25.75 20.61
N GLY B 161 -20.87 24.63 20.02
CA GLY B 161 -20.76 23.34 20.67
C GLY B 161 -22.02 22.86 21.35
N ALA B 162 -22.99 23.75 21.56
CA ALA B 162 -24.20 23.35 22.29
C ALA B 162 -25.10 22.42 21.48
N LEU B 163 -24.92 22.33 20.17
CA LEU B 163 -25.76 21.49 19.31
C LEU B 163 -24.86 20.43 18.68
N THR B 164 -25.06 19.17 19.08
CA THR B 164 -24.28 18.06 18.56
C THR B 164 -25.18 16.95 18.02
N SER B 165 -26.36 16.80 18.61
CA SER B 165 -27.27 15.74 18.17
C SER B 165 -27.79 16.04 16.77
N GLY B 166 -27.70 15.05 15.89
CA GLY B 166 -28.16 15.19 14.52
C GLY B 166 -27.21 15.88 13.56
N VAL B 167 -26.01 16.25 13.99
CA VAL B 167 -25.07 16.95 13.12
C VAL B 167 -24.36 15.93 12.24
N HIS B 168 -24.25 16.22 10.95
CA HIS B 168 -23.34 15.49 10.05
C HIS B 168 -22.45 16.50 9.35
N THR B 169 -21.16 16.47 9.65
CA THR B 169 -20.18 17.27 8.93
C THR B 169 -19.46 16.37 7.94
N PHE B 170 -19.61 16.64 6.67
CA PHE B 170 -19.18 15.69 5.64
C PHE B 170 -17.71 15.84 5.29
N PRO B 171 -17.06 14.78 4.81
CA PRO B 171 -15.72 14.93 4.25
C PRO B 171 -15.73 15.97 3.14
N ALA B 172 -14.68 16.78 3.10
CA ALA B 172 -14.57 17.79 2.05
C ALA B 172 -14.30 17.13 0.71
N VAL B 173 -14.71 17.78 -0.37
CA VAL B 173 -14.35 17.39 -1.71
C VAL B 173 -13.34 18.38 -2.27
N LEU B 174 -12.41 17.86 -3.06
CA LEU B 174 -11.43 18.70 -3.78
C LEU B 174 -12.05 19.07 -5.12
N GLN B 175 -12.31 20.35 -5.30
CA GLN B 175 -12.89 20.85 -6.54
C GLN B 175 -11.82 21.00 -7.61
N SER B 176 -12.27 21.17 -8.86
CA SER B 176 -11.33 21.26 -9.96
C SER B 176 -10.46 22.50 -9.84
N SER B 177 -10.89 23.51 -9.08
CA SER B 177 -10.10 24.70 -8.83
C SER B 177 -8.89 24.43 -7.95
N GLY B 178 -8.79 23.25 -7.34
CA GLY B 178 -7.79 23.03 -6.31
C GLY B 178 -8.20 23.45 -4.92
N LEU B 179 -9.39 24.01 -4.74
CA LEU B 179 -9.91 24.41 -3.44
C LEU B 179 -10.91 23.38 -2.93
N TYR B 180 -11.00 23.24 -1.61
CA TYR B 180 -11.91 22.30 -0.99
C TYR B 180 -13.25 22.93 -0.68
N SER B 181 -14.27 22.07 -0.55
CA SER B 181 -15.60 22.48 -0.15
C SER B 181 -16.19 21.38 0.71
N LEU B 182 -16.87 21.75 1.79
CA LEU B 182 -17.59 20.76 2.57
C LEU B 182 -18.92 21.33 3.03
N SER B 183 -19.80 20.44 3.44
CA SER B 183 -21.07 20.85 4.00
C SER B 183 -21.21 20.27 5.40
N SER B 184 -21.90 21.01 6.25
CA SER B 184 -22.27 20.54 7.58
C SER B 184 -23.76 20.75 7.73
N VAL B 185 -24.48 19.71 8.14
CA VAL B 185 -25.93 19.80 8.27
C VAL B 185 -26.35 19.34 9.65
N VAL B 186 -27.57 19.69 10.00
CA VAL B 186 -28.20 19.18 11.22
C VAL B 186 -29.70 19.09 10.97
N THR B 187 -30.30 18.03 11.49
CA THR B 187 -31.74 17.89 11.52
C THR B 187 -32.25 18.30 12.89
N VAL B 188 -33.31 19.10 12.90
CA VAL B 188 -33.90 19.65 14.11
C VAL B 188 -35.42 19.58 13.99
N PRO B 189 -36.15 19.74 15.08
CA PRO B 189 -37.62 19.80 14.98
C PRO B 189 -38.04 21.03 14.18
N SER B 190 -38.95 20.82 13.23
CA SER B 190 -39.48 21.95 12.46
C SER B 190 -40.08 23.01 13.38
N SER B 191 -40.71 22.59 14.48
CA SER B 191 -41.31 23.51 15.43
C SER B 191 -40.29 24.36 16.18
N SER B 192 -39.00 24.05 16.08
CA SER B 192 -37.98 24.85 16.72
C SER B 192 -37.50 26.01 15.87
N LEU B 193 -37.84 26.03 14.57
CA LEU B 193 -37.25 26.99 13.66
C LEU B 193 -37.62 28.42 13.99
N GLY B 194 -38.80 28.63 14.58
CA GLY B 194 -39.19 29.99 14.93
C GLY B 194 -38.55 30.53 16.19
N THR B 195 -38.10 29.65 17.08
CA THR B 195 -37.65 30.06 18.40
C THR B 195 -36.21 29.75 18.70
N GLN B 196 -35.53 28.94 17.89
CA GLN B 196 -34.16 28.56 18.15
C GLN B 196 -33.26 29.15 17.08
N THR B 197 -32.21 29.84 17.49
CA THR B 197 -31.22 30.31 16.53
C THR B 197 -30.23 29.20 16.26
N TYR B 198 -29.85 29.05 15.00
CA TYR B 198 -28.86 28.07 14.58
C TYR B 198 -27.71 28.80 13.89
N ILE B 199 -26.52 28.66 14.46
CA ILE B 199 -25.32 29.31 13.97
C ILE B 199 -24.23 28.25 13.76
N CYS B 200 -23.68 28.18 12.58
CA CYS B 200 -22.52 27.32 12.38
C CYS B 200 -21.23 28.12 12.61
N ASN B 201 -20.31 27.53 13.37
CA ASN B 201 -19.03 28.15 13.69
C ASN B 201 -17.94 27.41 12.93
N VAL B 202 -17.34 28.08 11.96
CA VAL B 202 -16.35 27.50 11.05
C VAL B 202 -14.99 28.09 11.41
N ASN B 203 -14.02 27.22 11.62
CA ASN B 203 -12.67 27.64 11.91
C ASN B 203 -11.73 27.02 10.88
N HIS B 204 -10.91 27.85 10.27
CA HIS B 204 -9.88 27.44 9.32
C HIS B 204 -8.57 28.01 9.87
N LYS B 205 -7.89 27.21 10.69
CA LYS B 205 -6.63 27.63 11.30
C LYS B 205 -5.56 28.04 10.29
N PRO B 206 -5.36 27.36 9.15
CA PRO B 206 -4.27 27.76 8.25
C PRO B 206 -4.35 29.20 7.77
N SER B 207 -5.54 29.76 7.66
CA SER B 207 -5.71 31.14 7.25
C SER B 207 -6.15 32.04 8.41
N ASN B 208 -6.17 31.52 9.64
CA ASN B 208 -6.66 32.26 10.81
C ASN B 208 -8.06 32.83 10.56
N THR B 209 -8.93 32.03 9.95
CA THR B 209 -10.28 32.46 9.64
C THR B 209 -11.26 31.82 10.61
N LYS B 210 -12.11 32.63 11.22
CA LYS B 210 -13.26 32.15 11.99
C LYS B 210 -14.49 32.85 11.45
N VAL B 211 -15.53 32.07 11.15
CA VAL B 211 -16.77 32.59 10.59
C VAL B 211 -17.93 31.99 11.37
N ASP B 212 -18.83 32.82 11.85
CA ASP B 212 -20.08 32.37 12.45
C ASP B 212 -21.20 32.77 11.52
N LYS B 213 -21.93 31.80 11.00
CA LYS B 213 -22.98 32.07 10.03
C LYS B 213 -24.32 31.67 10.63
N ARG B 214 -25.22 32.65 10.77
CA ARG B 214 -26.58 32.37 11.18
C ARG B 214 -27.36 31.76 10.01
N VAL B 215 -28.05 30.66 10.26
CA VAL B 215 -28.82 29.94 9.25
C VAL B 215 -30.29 30.03 9.64
N GLU B 216 -31.10 30.66 8.80
CA GLU B 216 -32.48 30.91 9.13
C GLU B 216 -33.36 30.58 7.94
N PRO B 217 -34.65 30.27 8.18
CA PRO B 217 -35.59 30.12 7.07
C PRO B 217 -35.60 31.36 6.18
N LYS B 218 -35.61 31.14 4.87
CA LYS B 218 -35.58 32.24 3.93
C LYS B 218 -36.98 32.80 3.69
N SER B 219 -37.03 34.05 3.29
CA SER B 219 -38.28 34.67 2.86
C SER B 219 -37.99 35.80 1.87
N ILE C 2 2.88 -9.42 -9.55
CA ILE C 2 1.97 -9.99 -8.56
C ILE C 2 0.84 -9.03 -8.24
N VAL C 3 -0.39 -9.52 -8.39
CA VAL C 3 -1.60 -8.77 -8.05
C VAL C 3 -2.36 -9.54 -6.97
N LEU C 4 -2.76 -8.83 -5.92
CA LEU C 4 -3.56 -9.39 -4.83
C LEU C 4 -4.96 -8.80 -4.91
N THR C 5 -5.96 -9.66 -5.05
CA THR C 5 -7.36 -9.24 -5.22
C THR C 5 -8.13 -9.66 -3.97
N GLN C 6 -8.63 -8.69 -3.22
CA GLN C 6 -9.41 -8.98 -2.03
C GLN C 6 -10.90 -9.01 -2.36
N SER C 7 -11.62 -9.91 -1.70
CA SER C 7 -13.07 -10.01 -1.84
C SER C 7 -13.68 -10.38 -0.50
N PRO C 8 -14.90 -9.89 -0.23
CA PRO C 8 -15.66 -8.90 -1.01
C PRO C 8 -15.10 -7.52 -0.74
N GLY C 9 -15.57 -6.47 -1.43
CA GLY C 9 -15.13 -5.14 -1.08
C GLY C 9 -15.61 -4.73 0.30
N THR C 10 -16.83 -5.14 0.66
CA THR C 10 -17.45 -4.81 1.94
C THR C 10 -18.15 -6.03 2.51
N LEU C 11 -17.81 -6.39 3.74
CA LEU C 11 -18.54 -7.38 4.52
C LEU C 11 -19.42 -6.65 5.52
N SER C 12 -20.71 -6.98 5.54
CA SER C 12 -21.67 -6.37 6.45
C SER C 12 -22.12 -7.42 7.45
N LEU C 13 -21.65 -7.30 8.69
CA LEU C 13 -21.87 -8.33 9.70
C LEU C 13 -22.22 -7.67 11.04
N SER C 14 -22.70 -8.48 11.97
CA SER C 14 -23.03 -8.05 13.32
C SER C 14 -21.97 -8.53 14.29
N PRO C 15 -21.83 -7.86 15.44
CA PRO C 15 -20.97 -8.39 16.50
C PRO C 15 -21.37 -9.81 16.88
N GLY C 16 -20.37 -10.65 17.10
CA GLY C 16 -20.58 -12.04 17.37
C GLY C 16 -20.55 -12.94 16.15
N GLU C 17 -20.69 -12.38 14.95
CA GLU C 17 -20.69 -13.19 13.75
C GLU C 17 -19.27 -13.45 13.25
N ARG C 18 -19.16 -14.51 12.43
CA ARG C 18 -17.89 -14.90 11.82
C ARG C 18 -17.66 -14.11 10.54
N ALA C 19 -16.47 -13.53 10.39
CA ALA C 19 -16.07 -12.82 9.18
C ALA C 19 -15.03 -13.64 8.43
N THR C 20 -15.23 -13.79 7.11
CA THR C 20 -14.30 -14.50 6.24
C THR C 20 -13.92 -13.60 5.07
N LEU C 21 -12.64 -13.22 5.00
CA LEU C 21 -12.11 -12.29 4.01
C LEU C 21 -11.13 -13.03 3.09
N SER C 22 -11.24 -12.79 1.78
CA SER C 22 -10.45 -13.53 0.81
C SER C 22 -9.42 -12.63 0.17
N CYS C 23 -8.24 -13.19 -0.05
CA CYS C 23 -7.17 -12.57 -0.82
C CYS C 23 -6.68 -13.60 -1.82
N ARG C 24 -6.76 -13.28 -3.11
CA ARG C 24 -6.27 -14.18 -4.16
C ARG C 24 -5.06 -13.56 -4.85
N ALA C 25 -3.98 -14.32 -4.96
CA ALA C 25 -2.79 -13.86 -5.66
C ALA C 25 -2.85 -14.31 -7.11
N SER C 26 -2.34 -13.46 -8.01
CA SER C 26 -2.30 -13.80 -9.42
C SER C 26 -1.29 -14.91 -9.72
N GLN C 27 -0.40 -15.24 -8.79
CA GLN C 27 0.60 -16.29 -8.98
C GLN C 27 0.82 -17.01 -7.66
N SER C 28 1.16 -18.29 -7.76
CA SER C 28 1.61 -19.06 -6.61
C SER C 28 3.09 -18.76 -6.38
N VAL C 29 3.40 -18.10 -5.26
CA VAL C 29 4.76 -17.71 -4.91
C VAL C 29 5.12 -18.34 -3.57
N SER C 30 6.22 -19.08 -3.55
CA SER C 30 6.73 -19.71 -2.31
C SER C 30 5.60 -20.57 -1.73
N SER C 31 5.38 -20.54 -0.42
CA SER C 31 4.23 -21.20 0.18
C SER C 31 3.84 -20.42 1.43
N SER C 32 2.53 -20.26 1.60
CA SER C 32 1.94 -19.47 2.69
C SER C 32 2.63 -18.11 2.84
N TYR C 33 2.82 -17.44 1.71
CA TYR C 33 3.56 -16.18 1.62
C TYR C 33 2.55 -15.02 1.61
N LEU C 34 2.23 -14.49 2.80
CA LEU C 34 1.18 -13.49 2.88
C LEU C 34 1.09 -12.95 4.31
N ALA C 35 0.82 -11.64 4.42
CA ALA C 35 0.52 -10.99 5.68
C ALA C 35 -0.81 -10.27 5.59
N TRP C 36 -1.46 -10.12 6.74
CA TRP C 36 -2.72 -9.41 6.87
C TRP C 36 -2.58 -8.29 7.88
N TYR C 37 -3.24 -7.15 7.58
CA TYR C 37 -3.18 -5.92 8.36
C TYR C 37 -4.59 -5.41 8.59
N GLN C 38 -4.79 -4.77 9.74
CA GLN C 38 -6.00 -4.02 10.03
C GLN C 38 -5.68 -2.53 10.05
N GLN C 39 -6.61 -1.70 9.59
CA GLN C 39 -6.43 -0.26 9.62
C GLN C 39 -7.76 0.38 9.96
N LYS C 40 -7.74 1.22 10.95
CA LYS C 40 -8.85 2.05 11.40
C LYS C 40 -8.63 3.48 10.93
N PRO C 41 -9.71 4.26 10.77
CA PRO C 41 -9.58 5.64 10.28
C PRO C 41 -8.57 6.46 11.09
N GLY C 42 -7.69 7.16 10.39
CA GLY C 42 -6.71 7.99 11.03
C GLY C 42 -5.55 7.26 11.68
N GLN C 43 -5.49 5.94 11.57
CA GLN C 43 -4.43 5.20 12.23
C GLN C 43 -3.59 4.48 11.19
N ALA C 44 -2.37 4.13 11.60
CA ALA C 44 -1.50 3.34 10.75
C ALA C 44 -1.97 1.88 10.73
N PRO C 45 -1.63 1.14 9.67
CA PRO C 45 -1.97 -0.29 9.63
C PRO C 45 -1.32 -1.02 10.80
N ARG C 46 -1.92 -2.15 11.17
CA ARG C 46 -1.44 -3.00 12.25
C ARG C 46 -1.32 -4.43 11.76
N LEU C 47 -0.15 -5.04 11.96
CA LEU C 47 0.07 -6.40 11.51
C LEU C 47 -0.79 -7.37 12.31
N LEU C 48 -1.59 -8.18 11.61
CA LEU C 48 -2.40 -9.23 12.21
C LEU C 48 -1.78 -10.61 12.03
N ILE C 49 -1.45 -10.96 10.79
CA ILE C 49 -1.04 -12.31 10.43
C ILE C 49 0.19 -12.23 9.53
N TYR C 50 1.17 -13.09 9.77
CA TYR C 50 2.31 -13.21 8.86
C TYR C 50 2.47 -14.67 8.47
N GLY C 51 3.16 -14.92 7.36
CA GLY C 51 3.31 -16.29 6.90
C GLY C 51 1.98 -16.98 6.68
N ALA C 52 0.99 -16.23 6.19
CA ALA C 52 -0.37 -16.68 5.91
C ALA C 52 -1.16 -17.15 7.13
N SER C 53 -0.51 -17.78 8.12
CA SER C 53 -1.27 -18.39 9.20
C SER C 53 -0.77 -18.07 10.60
N SER C 54 0.33 -17.34 10.75
CA SER C 54 0.92 -17.10 12.06
C SER C 54 0.41 -15.78 12.63
N ARG C 55 -0.06 -15.81 13.87
CA ARG C 55 -0.56 -14.60 14.50
C ARG C 55 0.59 -13.75 15.01
N ALA C 56 0.56 -12.45 14.71
CA ALA C 56 1.52 -11.54 15.30
C ALA C 56 1.32 -11.47 16.81
N THR C 57 2.38 -11.10 17.52
CA THR C 57 2.34 -11.13 18.97
C THR C 57 1.30 -10.14 19.49
N GLY C 58 0.48 -10.61 20.43
CA GLY C 58 -0.55 -9.77 21.00
C GLY C 58 -1.83 -9.66 20.20
N ILE C 59 -1.92 -10.33 19.06
CA ILE C 59 -3.15 -10.33 18.28
C ILE C 59 -4.12 -11.35 18.88
N PRO C 60 -5.37 -10.96 19.16
CA PRO C 60 -6.31 -11.89 19.81
C PRO C 60 -6.49 -13.17 19.02
N GLY C 61 -6.82 -14.24 19.74
CA GLY C 61 -6.95 -15.57 19.16
C GLY C 61 -8.08 -15.72 18.17
N ARG C 62 -9.06 -14.81 18.17
CA ARG C 62 -10.17 -14.92 17.22
C ARG C 62 -9.72 -14.63 15.79
N PHE C 63 -8.56 -14.02 15.60
CA PHE C 63 -7.99 -13.81 14.28
C PHE C 63 -7.18 -15.04 13.88
N SER C 64 -7.47 -15.57 12.70
CA SER C 64 -6.70 -16.68 12.17
C SER C 64 -6.57 -16.51 10.68
N GLY C 65 -5.47 -17.02 10.13
CA GLY C 65 -5.22 -16.97 8.71
C GLY C 65 -5.00 -18.36 8.18
N SER C 66 -5.35 -18.57 6.91
CA SER C 66 -5.10 -19.87 6.31
C SER C 66 -4.97 -19.69 4.80
N GLY C 67 -4.67 -20.78 4.13
CA GLY C 67 -4.57 -20.80 2.69
C GLY C 67 -3.14 -20.96 2.23
N SER C 68 -3.02 -21.15 0.93
CA SER C 68 -1.71 -21.36 0.33
C SER C 68 -1.87 -21.23 -1.18
N GLY C 69 -0.75 -21.40 -1.87
CA GLY C 69 -0.71 -21.14 -3.29
C GLY C 69 -1.22 -19.76 -3.59
N THR C 70 -2.42 -19.69 -4.14
CA THR C 70 -3.00 -18.42 -4.55
C THR C 70 -4.19 -17.97 -3.70
N ASP C 71 -4.74 -18.84 -2.86
CA ASP C 71 -5.99 -18.53 -2.15
C ASP C 71 -5.72 -18.44 -0.66
N PHE C 72 -6.00 -17.27 -0.08
CA PHE C 72 -5.77 -17.03 1.33
C PHE C 72 -7.02 -16.45 1.97
N THR C 73 -7.19 -16.77 3.25
CA THR C 73 -8.36 -16.35 4.02
C THR C 73 -7.92 -15.78 5.34
N LEU C 74 -8.48 -14.63 5.70
CA LEU C 74 -8.48 -14.12 7.06
C LEU C 74 -9.85 -14.40 7.69
N THR C 75 -9.86 -15.02 8.86
CA THR C 75 -11.09 -15.32 9.59
C THR C 75 -11.05 -14.59 10.92
N ILE C 76 -12.12 -13.87 11.21
CA ILE C 76 -12.38 -13.36 12.56
C ILE C 76 -13.53 -14.20 13.08
N SER C 77 -13.23 -15.10 13.99
CA SER C 77 -14.19 -16.14 14.36
C SER C 77 -15.45 -15.55 14.98
N ARG C 78 -15.28 -14.50 15.78
CA ARG C 78 -16.39 -13.90 16.52
C ARG C 78 -16.12 -12.40 16.59
N LEU C 79 -16.80 -11.63 15.75
CA LEU C 79 -16.48 -10.21 15.63
C LEU C 79 -16.76 -9.47 16.91
N GLU C 80 -15.80 -8.65 17.33
CA GLU C 80 -16.00 -7.70 18.41
C GLU C 80 -16.19 -6.31 17.81
N PRO C 81 -16.77 -5.36 18.56
CA PRO C 81 -17.01 -4.03 17.97
C PRO C 81 -15.75 -3.35 17.47
N GLU C 82 -14.61 -3.59 18.11
CA GLU C 82 -13.38 -2.97 17.66
C GLU C 82 -12.85 -3.60 16.38
N ASP C 83 -13.45 -4.69 15.90
CA ASP C 83 -12.96 -5.34 14.70
C ASP C 83 -13.51 -4.73 13.41
N PHE C 84 -14.47 -3.82 13.49
CA PHE C 84 -15.02 -3.21 12.28
C PHE C 84 -14.04 -2.17 11.76
N ALA C 85 -13.55 -2.39 10.55
CA ALA C 85 -12.30 -1.74 10.12
C ALA C 85 -12.00 -2.16 8.70
N ILE C 86 -10.89 -1.72 8.15
CA ILE C 86 -10.48 -2.13 6.81
C ILE C 86 -9.32 -3.09 6.99
N TYR C 87 -9.25 -4.10 6.14
CA TYR C 87 -8.24 -5.14 6.24
C TYR C 87 -7.54 -5.27 4.91
N TYR C 88 -6.21 -5.35 4.95
CA TYR C 88 -5.38 -5.46 3.75
C TYR C 88 -4.57 -6.74 3.81
N CYS C 89 -4.40 -7.40 2.67
CA CYS C 89 -3.39 -8.44 2.54
C CYS C 89 -2.17 -7.86 1.83
N GLN C 90 -1.03 -8.53 1.97
CA GLN C 90 0.25 -8.01 1.52
C GLN C 90 1.19 -9.15 1.20
N GLN C 91 1.91 -9.05 0.09
CA GLN C 91 2.95 -10.01 -0.26
C GLN C 91 4.09 -9.27 -0.93
N GLY C 92 5.26 -9.30 -0.32
CA GLY C 92 6.40 -8.56 -0.85
C GLY C 92 6.08 -7.07 -0.87
N VAL C 93 6.13 -6.46 -2.04
CA VAL C 93 5.82 -5.02 -2.17
C VAL C 93 4.38 -4.77 -2.60
N THR C 94 3.58 -5.82 -2.73
CA THR C 94 2.21 -5.70 -3.22
C THR C 94 1.22 -5.71 -2.06
N PHE C 95 0.24 -4.81 -2.11
CA PHE C 95 -0.92 -4.83 -1.22
C PHE C 95 -2.18 -5.14 -2.00
N GLY C 96 -3.10 -5.88 -1.36
CA GLY C 96 -4.46 -5.98 -1.86
C GLY C 96 -5.18 -4.65 -1.72
N GLY C 97 -6.36 -4.57 -2.35
CA GLY C 97 -7.12 -3.33 -2.36
C GLY C 97 -7.89 -3.03 -1.09
N GLY C 98 -7.95 -3.97 -0.17
CA GLY C 98 -8.65 -3.75 1.08
C GLY C 98 -10.07 -4.31 1.08
N THR C 99 -10.51 -4.75 2.25
CA THR C 99 -11.88 -5.17 2.51
C THR C 99 -12.38 -4.44 3.74
N LYS C 100 -13.54 -3.78 3.63
CA LYS C 100 -14.14 -3.12 4.76
C LYS C 100 -15.12 -4.05 5.46
N VAL C 101 -14.99 -4.17 6.77
CA VAL C 101 -15.95 -4.88 7.61
C VAL C 101 -16.75 -3.81 8.35
N GLU C 102 -18.04 -3.74 8.03
CA GLU C 102 -18.97 -2.75 8.53
C GLU C 102 -20.10 -3.43 9.28
N ILE C 103 -20.79 -2.63 10.09
CA ILE C 103 -21.88 -3.13 10.91
C ILE C 103 -23.12 -3.29 10.06
N LYS C 104 -23.71 -4.48 10.11
CA LYS C 104 -25.00 -4.72 9.46
C LYS C 104 -26.13 -4.20 10.34
N ARG C 105 -27.14 -3.64 9.70
CA ARG C 105 -28.37 -3.24 10.38
C ARG C 105 -29.50 -3.36 9.36
N THR C 106 -30.73 -3.09 9.81
CA THR C 106 -31.88 -3.17 8.92
C THR C 106 -31.82 -2.04 7.88
N VAL C 107 -32.47 -2.29 6.75
CA VAL C 107 -32.54 -1.29 5.69
C VAL C 107 -33.28 -0.06 6.21
N ALA C 108 -32.72 1.11 5.93
CA ALA C 108 -33.33 2.39 6.33
C ALA C 108 -33.26 3.33 5.14
N ALA C 109 -34.41 3.79 4.68
CA ALA C 109 -34.43 4.73 3.59
C ALA C 109 -33.87 6.08 4.04
N PRO C 110 -33.24 6.82 3.15
CA PRO C 110 -32.76 8.15 3.53
C PRO C 110 -33.90 9.15 3.60
N SER C 111 -33.72 10.15 4.47
CA SER C 111 -34.51 11.37 4.38
C SER C 111 -33.79 12.30 3.41
N VAL C 112 -34.52 12.85 2.43
CA VAL C 112 -33.90 13.58 1.34
C VAL C 112 -34.29 15.05 1.46
N PHE C 113 -33.31 15.93 1.35
CA PHE C 113 -33.52 17.38 1.42
C PHE C 113 -32.74 18.07 0.31
N ILE C 114 -33.33 19.10 -0.30
CA ILE C 114 -32.62 19.86 -1.32
C ILE C 114 -32.52 21.31 -0.87
N PHE C 115 -31.37 21.93 -1.10
CA PHE C 115 -31.09 23.31 -0.72
C PHE C 115 -30.74 24.12 -1.95
N PRO C 116 -31.46 25.20 -2.25
CA PRO C 116 -31.05 26.12 -3.31
C PRO C 116 -29.78 26.86 -2.91
N PRO C 117 -29.07 27.46 -3.88
CA PRO C 117 -27.98 28.37 -3.51
C PRO C 117 -28.54 29.57 -2.78
N SER C 118 -27.74 30.11 -1.87
CA SER C 118 -28.08 31.33 -1.15
C SER C 118 -27.89 32.57 -2.04
N ASP C 119 -28.64 33.62 -1.73
CA ASP C 119 -28.45 34.88 -2.45
C ASP C 119 -27.02 35.39 -2.27
N GLU C 120 -26.47 35.23 -1.08
CA GLU C 120 -25.08 35.64 -0.83
C GLU C 120 -24.14 34.99 -1.84
N GLN C 121 -24.27 33.68 -2.03
CA GLN C 121 -23.38 33.02 -2.98
C GLN C 121 -23.64 33.50 -4.40
N LEU C 122 -24.91 33.67 -4.75
CA LEU C 122 -25.25 34.09 -6.10
C LEU C 122 -24.59 35.40 -6.45
N LYS C 123 -24.45 36.30 -5.46
CA LYS C 123 -23.77 37.57 -5.74
C LYS C 123 -22.36 37.37 -6.29
N SER C 124 -21.72 36.24 -6.01
CA SER C 124 -20.34 35.99 -6.40
C SER C 124 -20.19 35.28 -7.75
N GLY C 125 -21.28 34.93 -8.42
CA GLY C 125 -21.21 34.38 -9.76
C GLY C 125 -21.29 32.87 -9.87
N THR C 126 -21.37 32.14 -8.74
CA THR C 126 -21.53 30.69 -8.75
C THR C 126 -22.77 30.32 -7.96
N ALA C 127 -23.37 29.18 -8.32
CA ALA C 127 -24.52 28.63 -7.61
C ALA C 127 -24.21 27.17 -7.24
N SER C 128 -24.28 26.86 -5.97
CA SER C 128 -24.17 25.49 -5.48
C SER C 128 -25.55 25.04 -5.01
N VAL C 129 -26.03 23.93 -5.54
CA VAL C 129 -27.28 23.29 -5.11
C VAL C 129 -26.89 22.05 -4.34
N VAL C 130 -27.43 21.88 -3.14
CA VAL C 130 -27.00 20.76 -2.29
C VAL C 130 -28.15 19.80 -2.08
N CYS C 131 -27.87 18.50 -2.19
CA CYS C 131 -28.84 17.46 -1.89
C CYS C 131 -28.27 16.64 -0.74
N LEU C 132 -29.09 16.43 0.28
CA LEU C 132 -28.72 15.72 1.50
C LEU C 132 -29.53 14.43 1.60
N LEU C 133 -28.84 13.30 1.74
CA LEU C 133 -29.48 12.02 2.05
C LEU C 133 -29.07 11.69 3.48
N ASN C 134 -30.04 11.65 4.38
CA ASN C 134 -29.77 11.55 5.80
C ASN C 134 -30.13 10.16 6.32
N ASN C 135 -29.16 9.54 7.01
CA ASN C 135 -29.34 8.39 7.89
C ASN C 135 -29.97 7.20 7.17
N PHE C 136 -29.23 6.66 6.21
CA PHE C 136 -29.71 5.53 5.44
C PHE C 136 -28.78 4.33 5.59
N TYR C 137 -29.29 3.15 5.23
CA TYR C 137 -28.51 1.93 5.22
C TYR C 137 -29.19 0.99 4.25
N PRO C 138 -28.46 0.29 3.38
CA PRO C 138 -26.99 0.24 3.26
C PRO C 138 -26.40 1.45 2.55
N ARG C 139 -25.08 1.45 2.40
CA ARG C 139 -24.36 2.64 1.95
C ARG C 139 -24.65 2.97 0.49
N GLU C 140 -24.97 1.96 -0.33
CA GLU C 140 -25.19 2.20 -1.75
C GLU C 140 -26.44 3.04 -1.97
N ALA C 141 -26.30 4.12 -2.74
CA ALA C 141 -27.38 5.02 -3.05
C ALA C 141 -27.01 5.77 -4.32
N LYS C 142 -28.01 6.16 -5.09
CA LYS C 142 -27.77 6.90 -6.33
C LYS C 142 -28.47 8.24 -6.25
N VAL C 143 -27.74 9.30 -6.55
CA VAL C 143 -28.27 10.66 -6.67
C VAL C 143 -28.18 11.03 -8.14
N GLN C 144 -29.31 11.43 -8.72
CA GLN C 144 -29.38 11.96 -10.07
C GLN C 144 -29.86 13.39 -9.99
N TRP C 145 -29.03 14.33 -10.40
CA TRP C 145 -29.45 15.73 -10.52
C TRP C 145 -30.18 15.94 -11.84
N LYS C 146 -31.24 16.74 -11.80
CA LYS C 146 -32.02 17.11 -12.97
C LYS C 146 -32.27 18.61 -12.95
N VAL C 147 -32.03 19.26 -14.09
CA VAL C 147 -32.28 20.70 -14.26
C VAL C 147 -33.24 20.83 -15.42
N ASP C 148 -34.44 21.35 -15.15
CA ASP C 148 -35.53 21.36 -16.13
C ASP C 148 -35.69 19.98 -16.76
N ASN C 149 -35.54 18.94 -15.93
CA ASN C 149 -35.68 17.53 -16.29
C ASN C 149 -34.52 17.00 -17.12
N ALA C 150 -33.48 17.80 -17.36
CA ALA C 150 -32.28 17.30 -18.03
C ALA C 150 -31.37 16.65 -17.00
N LEU C 151 -30.96 15.41 -17.26
CA LEU C 151 -30.10 14.70 -16.32
C LEU C 151 -28.68 15.24 -16.41
N GLN C 152 -28.14 15.66 -15.27
CA GLN C 152 -26.87 16.36 -15.20
C GLN C 152 -25.74 15.36 -15.01
N SER C 153 -24.68 15.52 -15.79
CA SER C 153 -23.49 14.69 -15.61
C SER C 153 -22.27 15.57 -15.72
N GLY C 154 -21.30 15.33 -14.84
CA GLY C 154 -20.02 16.00 -14.89
C GLY C 154 -19.90 17.27 -14.07
N ASN C 155 -20.98 17.70 -13.41
CA ASN C 155 -20.93 18.94 -12.66
C ASN C 155 -21.38 18.75 -11.20
N SER C 156 -21.17 17.56 -10.65
CA SER C 156 -21.52 17.37 -9.25
C SER C 156 -20.41 16.60 -8.56
N GLN C 157 -20.32 16.79 -7.25
CA GLN C 157 -19.42 15.98 -6.42
C GLN C 157 -20.16 15.54 -5.18
N GLU C 158 -19.76 14.42 -4.60
CA GLU C 158 -20.46 13.97 -3.41
C GLU C 158 -19.47 13.41 -2.39
N SER C 159 -20.00 13.27 -1.17
CA SER C 159 -19.24 12.91 0.01
C SER C 159 -20.14 12.09 0.92
N VAL C 160 -19.56 11.12 1.62
CA VAL C 160 -20.34 10.24 2.51
C VAL C 160 -19.67 10.18 3.87
N THR C 161 -20.48 10.27 4.93
CA THR C 161 -19.97 10.14 6.29
C THR C 161 -19.53 8.70 6.57
N GLU C 162 -18.72 8.55 7.63
CA GLU C 162 -18.48 7.22 8.18
C GLU C 162 -19.74 6.70 8.86
N GLN C 163 -19.79 5.38 9.01
CA GLN C 163 -20.96 4.74 9.62
C GLN C 163 -21.19 5.32 11.00
N ASP C 164 -22.44 5.70 11.27
CA ASP C 164 -22.72 6.39 12.53
C ASP C 164 -22.54 5.44 13.71
N SER C 165 -21.90 5.93 14.77
CA SER C 165 -21.63 5.08 15.92
C SER C 165 -22.89 4.77 16.72
N LYS C 166 -23.94 5.58 16.59
CA LYS C 166 -25.17 5.33 17.33
C LYS C 166 -26.14 4.42 16.57
N ASP C 167 -26.45 4.75 15.32
CA ASP C 167 -27.47 4.02 14.57
C ASP C 167 -26.96 3.26 13.36
N SER C 168 -25.65 3.26 13.12
CA SER C 168 -24.99 2.50 12.05
C SER C 168 -25.45 2.90 10.65
N THR C 169 -25.95 4.13 10.47
CA THR C 169 -26.36 4.60 9.16
C THR C 169 -25.26 5.44 8.53
N TYR C 170 -25.45 5.75 7.26
CA TYR C 170 -24.62 6.66 6.49
C TYR C 170 -25.42 7.89 6.13
N SER C 171 -24.72 8.99 5.87
CA SER C 171 -25.34 10.15 5.27
C SER C 171 -24.49 10.58 4.10
N LEU C 172 -25.12 11.26 3.15
CA LEU C 172 -24.47 11.62 1.91
C LEU C 172 -24.84 13.04 1.55
N SER C 173 -23.87 13.80 1.07
CA SER C 173 -24.10 15.16 0.58
C SER C 173 -23.59 15.25 -0.85
N SER C 174 -24.43 15.78 -1.74
CA SER C 174 -24.06 15.99 -3.14
C SER C 174 -24.22 17.46 -3.48
N THR C 175 -23.25 18.01 -4.20
CA THR C 175 -23.28 19.42 -4.62
C THR C 175 -23.26 19.47 -6.13
N LEU C 176 -24.29 20.10 -6.70
CA LEU C 176 -24.34 20.47 -8.11
C LEU C 176 -23.80 21.89 -8.23
N THR C 177 -22.80 22.10 -9.06
CA THR C 177 -22.22 23.44 -9.21
C THR C 177 -22.52 23.97 -10.60
N LEU C 178 -23.11 25.16 -10.67
CA LEU C 178 -23.43 25.85 -11.91
C LEU C 178 -22.91 27.28 -11.84
N SER C 179 -22.66 27.87 -13.00
CA SER C 179 -22.47 29.31 -13.02
C SER C 179 -23.79 30.00 -12.68
N LYS C 180 -23.71 31.23 -12.18
CA LYS C 180 -24.93 31.97 -11.91
C LYS C 180 -25.77 32.11 -13.17
N ALA C 181 -25.13 32.43 -14.30
CA ALA C 181 -25.88 32.63 -15.55
C ALA C 181 -26.64 31.37 -15.95
N ASP C 182 -25.96 30.22 -15.92
CA ASP C 182 -26.63 28.94 -16.18
C ASP C 182 -27.76 28.71 -15.20
N TYR C 183 -27.50 28.96 -13.91
CA TYR C 183 -28.53 28.75 -12.89
C TYR C 183 -29.78 29.57 -13.21
N GLU C 184 -29.59 30.83 -13.58
CA GLU C 184 -30.72 31.70 -13.89
C GLU C 184 -31.39 31.34 -15.20
N LYS C 185 -30.76 30.51 -16.03
CA LYS C 185 -31.39 30.04 -17.26
C LYS C 185 -32.44 28.95 -17.06
N HIS C 186 -32.59 28.37 -15.86
CA HIS C 186 -33.50 27.23 -15.69
C HIS C 186 -34.38 27.40 -14.46
N LYS C 187 -35.47 26.62 -14.42
CA LYS C 187 -36.50 26.76 -13.40
C LYS C 187 -36.49 25.65 -12.36
N VAL C 188 -36.53 24.39 -12.79
CA VAL C 188 -36.79 23.26 -11.89
C VAL C 188 -35.48 22.57 -11.58
N TYR C 189 -35.09 22.59 -10.30
CA TYR C 189 -33.89 21.91 -9.82
C TYR C 189 -34.31 20.74 -8.95
N ALA C 190 -33.84 19.53 -9.27
CA ALA C 190 -34.34 18.36 -8.58
C ALA C 190 -33.19 17.39 -8.31
N CYS C 191 -33.22 16.73 -7.16
CA CYS C 191 -32.39 15.56 -6.96
C CYS C 191 -33.30 14.35 -6.78
N GLU C 192 -33.02 13.31 -7.56
CA GLU C 192 -33.76 12.07 -7.53
C GLU C 192 -32.87 11.01 -6.91
N VAL C 193 -33.37 10.34 -5.88
CA VAL C 193 -32.59 9.42 -5.07
C VAL C 193 -33.15 8.01 -5.23
N THR C 194 -32.26 7.07 -5.49
CA THR C 194 -32.57 5.65 -5.57
C THR C 194 -31.84 4.95 -4.43
N HIS C 195 -32.57 4.14 -3.68
CA HIS C 195 -32.01 3.42 -2.54
C HIS C 195 -32.89 2.22 -2.23
N GLN C 196 -32.26 1.16 -1.69
CA GLN C 196 -32.98 -0.08 -1.43
C GLN C 196 -34.16 0.13 -0.47
N GLY C 197 -34.07 1.12 0.42
CA GLY C 197 -35.17 1.41 1.31
C GLY C 197 -36.35 2.12 0.69
N LEU C 198 -36.28 2.45 -0.60
CA LEU C 198 -37.31 3.20 -1.30
C LEU C 198 -37.94 2.31 -2.36
N SER C 199 -39.26 2.12 -2.28
CA SER C 199 -39.95 1.29 -3.27
C SER C 199 -39.86 1.90 -4.66
N SER C 200 -39.77 3.21 -4.74
CA SER C 200 -39.55 3.94 -5.98
C SER C 200 -38.68 5.13 -5.67
N PRO C 201 -38.01 5.70 -6.68
CA PRO C 201 -37.11 6.82 -6.42
C PRO C 201 -37.86 8.03 -5.85
N VAL C 202 -37.19 8.74 -4.94
CA VAL C 202 -37.74 9.94 -4.32
C VAL C 202 -37.11 11.16 -4.97
N THR C 203 -37.93 12.10 -5.41
CA THR C 203 -37.43 13.34 -6.01
C THR C 203 -37.79 14.51 -5.12
N LYS C 204 -36.80 15.31 -4.75
CA LYS C 204 -37.02 16.60 -4.08
C LYS C 204 -36.58 17.70 -5.03
N SER C 205 -37.42 18.73 -5.17
CA SER C 205 -37.13 19.77 -6.14
C SER C 205 -37.55 21.12 -5.61
N PHE C 206 -37.07 22.16 -6.28
CA PHE C 206 -37.56 23.52 -6.07
C PHE C 206 -37.59 24.23 -7.42
N ASN C 207 -38.38 25.29 -7.48
CA ASN C 207 -38.42 26.17 -8.63
C ASN C 207 -37.65 27.44 -8.27
N ARG C 208 -36.62 27.74 -9.06
CA ARG C 208 -35.84 28.95 -8.84
C ARG C 208 -36.75 30.16 -8.79
N GLY C 209 -36.59 30.97 -7.75
CA GLY C 209 -37.45 32.13 -7.56
C GLY C 209 -38.75 31.86 -6.85
N GLU C 210 -38.92 30.67 -6.26
CA GLU C 210 -40.15 30.27 -5.56
C GLU C 210 -41.34 30.20 -6.50
#